data_5UXX
#
_entry.id   5UXX
#
_cell.length_a   92.420
_cell.length_b   92.420
_cell.length_c   127.740
_cell.angle_alpha   90.00
_cell.angle_beta   90.00
_cell.angle_gamma   120.00
#
_symmetry.space_group_name_H-M   'P 32 2 1'
#
loop_
_entity.id
_entity.type
_entity.pdbx_description
1 polymer 'RNA polymerase sigma factor'
2 polymer 'Anti-sigma factor NepR'
3 non-polymer 'SULFATE ION'
4 water water
#
loop_
_entity_poly.entity_id
_entity_poly.type
_entity_poly.pdbx_seq_one_letter_code
_entity_poly.pdbx_strand_id
1 'polypeptide(L)'
;(MSE)(MSE)EGVKDFKQELLLVLPALRAFAISLSSKHDKAEDLVQDTL(MSE)KAWAKQDSFE(MSE)GSNLKAWLFTI
LRNEFYSQ(MSE)RKRGREVQDSDGVFIESVAIHPAQYGSLDLQDFKKALN(MSE)LSADQREAIILIGASGFSYEDAAA
ICGCAIGTIKSRVSRARNRLQELLKVDR
;
A,C
2 'polypeptide(L)' MNDCDEKNLTNHFTFGDDLLGVNSEIARKLRQFYLEIQEEALPARLLELLERLEQAERFGLNNAEKV B,D
#
loop_
_chem_comp.id
_chem_comp.type
_chem_comp.name
_chem_comp.formula
SO4 non-polymer 'SULFATE ION' 'O4 S -2'
#
# COMPACT_ATOMS: atom_id res chain seq x y z
N VAL A 5 -9.47 -14.49 -20.14
CA VAL A 5 -8.07 -14.11 -19.90
C VAL A 5 -7.69 -14.36 -18.43
N LYS A 6 -6.46 -14.82 -18.23
CA LYS A 6 -5.89 -15.07 -16.92
C LYS A 6 -5.57 -13.77 -16.18
N ASP A 7 -5.53 -12.67 -16.92
CA ASP A 7 -5.15 -11.36 -16.39
C ASP A 7 -5.96 -10.86 -15.21
N PHE A 8 -7.29 -10.91 -15.31
CA PHE A 8 -8.13 -10.45 -14.21
C PHE A 8 -7.89 -11.29 -12.96
N LYS A 9 -7.75 -12.59 -13.15
CA LYS A 9 -7.46 -13.50 -12.04
C LYS A 9 -6.15 -13.17 -11.33
N GLN A 10 -5.12 -12.89 -12.12
CA GLN A 10 -3.79 -12.59 -11.57
C GLN A 10 -3.79 -11.25 -10.83
N GLU A 11 -4.60 -10.31 -11.32
CA GLU A 11 -4.76 -9.03 -10.64
C GLU A 11 -5.44 -9.20 -9.29
N LEU A 12 -6.41 -10.11 -9.23
CA LEU A 12 -7.12 -10.40 -7.99
C LEU A 12 -6.19 -10.97 -6.91
N LEU A 13 -5.34 -11.90 -7.32
CA LEU A 13 -4.40 -12.54 -6.40
C LEU A 13 -3.48 -11.53 -5.72
N LEU A 14 -3.18 -10.43 -6.42
CA LEU A 14 -2.38 -9.36 -5.85
C LEU A 14 -3.14 -8.60 -4.75
N VAL A 15 -4.43 -8.38 -4.98
CA VAL A 15 -5.24 -7.55 -4.11
C VAL A 15 -5.89 -8.36 -2.98
N LEU A 16 -6.06 -9.66 -3.23
CA LEU A 16 -6.79 -10.53 -2.33
C LEU A 16 -6.31 -10.51 -0.86
N PRO A 17 -4.99 -10.51 -0.61
CA PRO A 17 -4.58 -10.43 0.80
C PRO A 17 -5.00 -9.14 1.50
N ALA A 18 -4.88 -8.01 0.80
CA ALA A 18 -5.27 -6.72 1.36
C ALA A 18 -6.78 -6.63 1.50
N LEU A 19 -7.49 -7.25 0.55
CA LEU A 19 -8.94 -7.29 0.57
C LEU A 19 -9.44 -8.03 1.81
N ARG A 20 -8.76 -9.13 2.15
CA ARG A 20 -9.11 -9.91 3.33
C ARG A 20 -8.84 -9.14 4.62
N ALA A 21 -7.71 -8.43 4.64
CA ALA A 21 -7.33 -7.62 5.79
C ALA A 21 -8.35 -6.49 6.02
N PHE A 22 -8.87 -5.97 4.93
CA PHE A 22 -9.88 -4.92 4.98
C PHE A 22 -11.17 -5.44 5.60
N ALA A 23 -11.56 -6.65 5.20
CA ALA A 23 -12.77 -7.28 5.71
C ALA A 23 -12.68 -7.56 7.21
N ILE A 24 -11.52 -8.05 7.64
CA ILE A 24 -11.30 -8.36 9.06
C ILE A 24 -11.29 -7.08 9.89
N SER A 25 -10.66 -6.04 9.36
CA SER A 25 -10.62 -4.74 10.05
C SER A 25 -12.01 -4.14 10.17
N LEU A 26 -12.85 -4.39 9.17
CA LEU A 26 -14.18 -3.79 9.09
C LEU A 26 -15.21 -4.55 9.92
N SER A 27 -15.04 -5.86 10.02
CA SER A 27 -16.06 -6.73 10.60
C SER A 27 -16.20 -6.58 12.11
N SER A 28 -17.43 -6.75 12.60
CA SER A 28 -17.72 -6.70 14.02
C SER A 28 -17.83 -8.11 14.60
N LYS A 29 -17.87 -9.09 13.71
CA LYS A 29 -17.89 -10.50 14.10
C LYS A 29 -16.74 -11.24 13.44
N HIS A 30 -15.94 -11.93 14.25
CA HIS A 30 -14.72 -12.57 13.77
C HIS A 30 -14.98 -13.67 12.76
N ASP A 31 -16.10 -14.37 12.91
CA ASP A 31 -16.39 -15.53 12.08
C ASP A 31 -17.27 -15.20 10.87
N LYS A 32 -17.33 -13.92 10.50
CA LYS A 32 -18.12 -13.49 9.36
C LYS A 32 -17.28 -12.80 8.29
N ALA A 33 -16.05 -12.47 8.66
CA ALA A 33 -15.16 -11.71 7.77
C ALA A 33 -14.74 -12.49 6.53
N GLU A 34 -14.59 -13.79 6.69
CA GLU A 34 -14.04 -14.62 5.62
C GLU A 34 -15.07 -14.87 4.51
N ASP A 35 -16.33 -14.97 4.89
CA ASP A 35 -17.42 -15.11 3.93
C ASP A 35 -17.63 -13.83 3.13
N LEU A 36 -17.36 -12.70 3.78
CA LEU A 36 -17.48 -11.39 3.13
C LEU A 36 -16.55 -11.27 1.94
N VAL A 37 -15.32 -11.77 2.08
CA VAL A 37 -14.35 -11.77 1.00
C VAL A 37 -14.82 -12.67 -0.14
N GLN A 38 -15.32 -13.85 0.22
CA GLN A 38 -15.85 -14.81 -0.75
C GLN A 38 -16.94 -14.21 -1.62
N ASP A 39 -17.91 -13.55 -0.97
CA ASP A 39 -19.01 -12.93 -1.69
C ASP A 39 -18.52 -11.80 -2.59
N THR A 40 -17.50 -11.08 -2.13
CA THR A 40 -16.93 -9.98 -2.91
C THR A 40 -16.27 -10.50 -4.18
N LEU A 41 -15.53 -11.60 -4.04
CA LEU A 41 -14.87 -12.23 -5.17
C LEU A 41 -15.86 -12.68 -6.23
N MSE A 42 -16.98 -13.24 -5.79
CA MSE A 42 -18.00 -13.73 -6.70
CA MSE A 42 -18.02 -13.72 -6.69
C MSE A 42 -18.69 -12.58 -7.44
O MSE A 42 -18.97 -12.69 -8.63
CB MSE A 42 -19.04 -14.57 -5.96
CB MSE A 42 -19.07 -14.51 -5.90
CG MSE A 42 -18.63 -16.03 -5.78
CG MSE A 42 -20.13 -15.18 -6.75
SE MSE A 42 -19.96 -17.09 -4.84
SE MSE A 42 -19.37 -16.55 -7.90
CE MSE A 42 -19.80 -16.27 -3.07
CE MSE A 42 -20.15 -15.98 -9.59
N LYS A 43 -18.94 -11.48 -6.73
CA LYS A 43 -19.59 -10.32 -7.35
C LYS A 43 -18.64 -9.60 -8.29
N ALA A 44 -17.37 -9.51 -7.90
CA ALA A 44 -16.37 -8.83 -8.72
C ALA A 44 -16.11 -9.58 -10.02
N TRP A 45 -16.14 -10.91 -9.95
CA TRP A 45 -15.94 -11.72 -11.13
C TRP A 45 -17.08 -11.54 -12.13
N ALA A 46 -18.30 -11.41 -11.61
CA ALA A 46 -19.46 -11.22 -12.46
C ALA A 46 -19.49 -9.81 -13.06
N LYS A 47 -19.03 -8.83 -12.31
CA LYS A 47 -19.06 -7.43 -12.76
C LYS A 47 -17.72 -6.97 -13.33
N GLN A 48 -16.81 -7.90 -13.57
CA GLN A 48 -15.45 -7.58 -13.99
C GLN A 48 -15.40 -6.76 -15.28
N ASP A 49 -16.40 -6.94 -16.14
CA ASP A 49 -16.44 -6.24 -17.42
C ASP A 49 -16.93 -4.81 -17.27
N SER A 50 -17.41 -4.46 -16.08
CA SER A 50 -17.86 -3.11 -15.81
CA SER A 50 -17.86 -3.10 -15.81
C SER A 50 -16.74 -2.28 -15.18
N PHE A 51 -15.59 -2.91 -14.97
CA PHE A 51 -14.43 -2.22 -14.41
C PHE A 51 -13.86 -1.24 -15.44
N GLU A 52 -13.84 0.04 -15.07
CA GLU A 52 -13.39 1.08 -15.98
C GLU A 52 -11.87 1.02 -16.15
N MSE A 53 -11.44 0.90 -17.40
CA MSE A 53 -10.02 0.79 -17.73
C MSE A 53 -9.25 2.02 -17.30
O MSE A 53 -9.68 3.15 -17.52
CB MSE A 53 -9.84 0.56 -19.23
CG MSE A 53 -8.74 -0.44 -19.59
SE MSE A 53 -9.27 -2.28 -19.25
CE MSE A 53 -10.37 -2.57 -20.83
N GLY A 54 -8.11 1.80 -16.65
CA GLY A 54 -7.26 2.89 -16.22
C GLY A 54 -7.61 3.42 -14.85
N SER A 55 -8.63 2.84 -14.22
CA SER A 55 -9.03 3.26 -12.89
C SER A 55 -8.42 2.35 -11.82
N ASN A 56 -8.66 2.69 -10.56
CA ASN A 56 -8.09 1.94 -9.44
C ASN A 56 -8.86 0.65 -9.18
N LEU A 57 -8.24 -0.48 -9.48
CA LEU A 57 -8.87 -1.78 -9.30
C LEU A 57 -9.07 -2.10 -7.83
N LYS A 58 -8.08 -1.76 -7.01
CA LYS A 58 -8.14 -2.00 -5.58
C LYS A 58 -9.31 -1.25 -4.96
N ALA A 59 -9.48 0.01 -5.36
CA ALA A 59 -10.58 0.82 -4.87
C ALA A 59 -11.92 0.27 -5.35
N TRP A 60 -11.93 -0.26 -6.57
CA TRP A 60 -13.13 -0.87 -7.14
C TRP A 60 -13.54 -2.09 -6.34
N LEU A 61 -12.56 -2.91 -5.98
CA LEU A 61 -12.79 -4.13 -5.22
C LEU A 61 -13.22 -3.83 -3.77
N PHE A 62 -12.54 -2.86 -3.16
CA PHE A 62 -12.85 -2.46 -1.79
C PHE A 62 -14.26 -1.89 -1.68
N THR A 63 -14.69 -1.19 -2.74
CA THR A 63 -16.02 -0.61 -2.78
C THR A 63 -17.09 -1.70 -2.73
N ILE A 64 -16.88 -2.78 -3.47
CA ILE A 64 -17.80 -3.91 -3.49
C ILE A 64 -17.90 -4.56 -2.12
N LEU A 65 -16.76 -4.79 -1.49
CA LEU A 65 -16.72 -5.42 -0.17
C LEU A 65 -17.37 -4.51 0.88
N ARG A 66 -17.02 -3.22 0.84
CA ARG A 66 -17.59 -2.25 1.77
C ARG A 66 -19.11 -2.21 1.70
N ASN A 67 -19.65 -2.17 0.49
CA ASN A 67 -21.08 -2.05 0.30
C ASN A 67 -21.81 -3.33 0.68
N GLU A 68 -21.18 -4.47 0.42
CA GLU A 68 -21.74 -5.75 0.80
C GLU A 68 -21.76 -5.89 2.32
N PHE A 69 -20.72 -5.36 2.97
CA PHE A 69 -20.60 -5.43 4.41
C PHE A 69 -21.71 -4.64 5.11
N TYR A 70 -21.92 -3.40 4.67
CA TYR A 70 -22.96 -2.57 5.26
C TYR A 70 -24.35 -3.12 4.96
N SER A 71 -24.46 -3.81 3.82
CA SER A 71 -25.70 -4.47 3.44
C SER A 71 -26.01 -5.60 4.44
N GLN A 72 -24.99 -6.34 4.84
CA GLN A 72 -25.14 -7.41 5.80
C GLN A 72 -25.53 -6.87 7.18
N MSE A 73 -24.92 -5.76 7.56
CA MSE A 73 -25.20 -5.13 8.84
C MSE A 73 -26.65 -4.68 8.92
O MSE A 73 -27.28 -4.79 9.98
CB MSE A 73 -24.27 -3.94 9.07
CG MSE A 73 -22.80 -4.31 9.26
SE MSE A 73 -22.46 -5.48 10.78
CE MSE A 73 -22.39 -7.19 9.85
N ARG A 74 -27.17 -4.16 7.82
CA ARG A 74 -28.54 -3.67 7.78
C ARG A 74 -29.53 -4.84 7.88
N LYS A 75 -29.19 -5.94 7.22
CA LYS A 75 -30.02 -7.15 7.25
C LYS A 75 -30.01 -7.80 8.61
N ARG A 76 -28.81 -7.92 9.20
CA ARG A 76 -28.65 -8.51 10.52
C ARG A 76 -29.33 -7.65 11.59
N GLY A 77 -29.30 -6.33 11.38
CA GLY A 77 -29.93 -5.41 12.30
C GLY A 77 -31.45 -5.55 12.30
N ARG A 78 -32.00 -5.91 11.15
CA ARG A 78 -33.44 -6.13 11.03
C ARG A 78 -33.86 -7.45 11.67
N GLU A 79 -33.00 -8.46 11.55
CA GLU A 79 -33.30 -9.75 12.12
C GLU A 79 -33.18 -9.72 13.64
N VAL A 80 -32.26 -8.90 14.14
CA VAL A 80 -32.09 -8.71 15.58
C VAL A 80 -33.27 -7.94 16.15
N GLN A 81 -33.73 -6.94 15.40
CA GLN A 81 -34.86 -6.12 15.82
C GLN A 81 -36.17 -6.91 15.83
N ASP A 82 -36.20 -8.02 15.10
CA ASP A 82 -37.40 -8.84 15.01
C ASP A 82 -37.22 -10.18 15.73
N SER A 83 -36.20 -10.28 16.57
CA SER A 83 -35.94 -11.49 17.32
C SER A 83 -35.57 -11.20 18.77
N ASP A 84 -34.37 -11.61 19.17
CA ASP A 84 -33.91 -11.47 20.55
C ASP A 84 -33.74 -10.01 20.93
N GLY A 85 -32.94 -9.29 20.15
CA GLY A 85 -32.70 -7.88 20.40
C GLY A 85 -31.26 -7.56 20.77
N VAL A 86 -30.39 -8.56 20.68
CA VAL A 86 -28.99 -8.37 21.05
C VAL A 86 -28.05 -8.49 19.85
N PHE A 87 -27.25 -7.46 19.64
CA PHE A 87 -26.18 -7.51 18.66
C PHE A 87 -24.95 -8.15 19.27
N ILE A 88 -24.29 -9.05 18.55
CA ILE A 88 -23.09 -9.69 19.07
C ILE A 88 -21.85 -9.13 18.39
N GLU A 89 -20.94 -8.60 19.21
CA GLU A 89 -19.66 -8.10 18.73
C GLU A 89 -18.55 -9.01 19.27
N SER A 90 -17.76 -9.59 18.36
CA SER A 90 -16.72 -10.53 18.75
C SER A 90 -15.38 -10.25 18.10
N VAL A 91 -14.31 -10.40 18.88
CA VAL A 91 -12.95 -10.23 18.37
C VAL A 91 -12.13 -11.48 18.63
N ALA A 92 -11.56 -12.05 17.57
CA ALA A 92 -10.74 -13.25 17.69
C ALA A 92 -9.62 -13.26 16.66
N ILE A 93 -8.48 -12.68 17.02
CA ILE A 93 -7.33 -12.64 16.13
C ILE A 93 -6.11 -13.31 16.75
N HIS A 94 -5.54 -14.25 16.02
CA HIS A 94 -4.31 -14.93 16.44
C HIS A 94 -3.19 -13.91 16.64
N PRO A 95 -2.41 -14.07 17.74
CA PRO A 95 -1.28 -13.20 18.07
C PRO A 95 -0.34 -12.96 16.89
N ALA A 96 0.31 -11.80 16.90
CA ALA A 96 1.21 -11.40 15.81
C ALA A 96 2.28 -12.47 15.55
N GLN A 97 2.41 -12.85 14.28
CA GLN A 97 3.35 -13.89 13.89
C GLN A 97 4.73 -13.29 13.58
N TYR A 98 4.74 -12.08 13.06
CA TYR A 98 5.99 -11.43 12.67
C TYR A 98 6.53 -10.49 13.74
N GLY A 99 5.69 -9.59 14.24
CA GLY A 99 6.13 -8.58 15.19
C GLY A 99 5.54 -8.72 16.58
N SER A 100 5.32 -7.59 17.25
CA SER A 100 4.94 -7.58 18.65
C SER A 100 3.62 -6.89 18.94
N LEU A 101 2.95 -6.40 17.90
CA LEU A 101 1.69 -5.68 18.09
C LEU A 101 0.59 -6.60 18.61
N ASP A 102 -0.06 -6.16 19.69
CA ASP A 102 -1.21 -6.88 20.22
C ASP A 102 -2.40 -6.68 19.28
N LEU A 103 -2.62 -7.65 18.40
CA LEU A 103 -3.64 -7.55 17.37
C LEU A 103 -5.04 -7.54 17.96
N GLN A 104 -5.25 -8.35 18.99
CA GLN A 104 -6.55 -8.43 19.66
C GLN A 104 -6.92 -7.08 20.26
N ASP A 105 -5.95 -6.46 20.93
CA ASP A 105 -6.17 -5.17 21.57
C ASP A 105 -6.40 -4.07 20.54
N PHE A 106 -5.64 -4.08 19.45
CA PHE A 106 -5.77 -3.09 18.40
C PHE A 106 -7.13 -3.16 17.72
N LYS A 107 -7.60 -4.38 17.47
CA LYS A 107 -8.91 -4.59 16.86
C LYS A 107 -10.02 -4.10 17.77
N LYS A 108 -9.87 -4.37 19.07
CA LYS A 108 -10.83 -3.89 20.07
C LYS A 108 -10.87 -2.36 20.10
N ALA A 109 -9.71 -1.74 19.89
CA ALA A 109 -9.61 -0.29 19.82
C ALA A 109 -10.33 0.24 18.58
N LEU A 110 -10.14 -0.43 17.45
CA LEU A 110 -10.81 -0.09 16.21
C LEU A 110 -12.33 -0.14 16.36
N ASN A 111 -12.80 -1.13 17.11
CA ASN A 111 -14.23 -1.33 17.33
C ASN A 111 -14.84 -0.26 18.24
N MSE A 112 -13.99 0.43 18.99
CA MSE A 112 -14.44 1.53 19.85
C MSE A 112 -14.80 2.75 19.01
O MSE A 112 -15.56 3.60 19.44
CB MSE A 112 -13.37 1.89 20.88
CG MSE A 112 -13.08 0.79 21.89
SE MSE A 112 -14.54 0.52 23.15
CE MSE A 112 -14.53 2.27 24.01
N LEU A 113 -14.23 2.82 17.82
CA LEU A 113 -14.51 3.91 16.89
C LEU A 113 -15.90 3.78 16.29
N SER A 114 -16.41 4.88 15.75
CA SER A 114 -17.63 4.83 14.94
C SER A 114 -17.34 4.08 13.66
N ALA A 115 -18.39 3.62 12.98
CA ALA A 115 -18.24 2.88 11.73
C ALA A 115 -17.51 3.70 10.67
N ASP A 116 -17.82 4.99 10.61
CA ASP A 116 -17.21 5.89 9.63
C ASP A 116 -15.74 6.14 9.93
N GLN A 117 -15.42 6.34 11.21
CA GLN A 117 -14.04 6.59 11.61
C GLN A 117 -13.17 5.36 11.39
N ARG A 118 -13.70 4.19 11.73
CA ARG A 118 -12.96 2.94 11.60
C ARG A 118 -12.58 2.67 10.15
N GLU A 119 -13.54 2.82 9.25
CA GLU A 119 -13.30 2.58 7.82
C GLU A 119 -12.31 3.60 7.24
N ALA A 120 -12.50 4.86 7.59
CA ALA A 120 -11.66 5.94 7.07
C ALA A 120 -10.19 5.75 7.45
N ILE A 121 -9.94 5.43 8.71
CA ILE A 121 -8.56 5.31 9.20
C ILE A 121 -7.91 4.05 8.64
N ILE A 122 -8.71 3.04 8.31
CA ILE A 122 -8.20 1.82 7.68
C ILE A 122 -7.84 2.08 6.22
N LEU A 123 -8.75 2.74 5.50
CA LEU A 123 -8.54 3.05 4.09
C LEU A 123 -7.33 3.95 3.89
N ILE A 124 -7.19 4.95 4.74
CA ILE A 124 -6.11 5.93 4.62
C ILE A 124 -4.83 5.47 5.31
N GLY A 125 -4.96 5.00 6.54
CA GLY A 125 -3.80 4.66 7.36
C GLY A 125 -3.22 3.27 7.12
N ALA A 126 -3.99 2.40 6.49
CA ALA A 126 -3.56 1.01 6.32
C ALA A 126 -3.65 0.51 4.88
N SER A 127 -4.70 0.90 4.17
CA SER A 127 -4.96 0.36 2.84
C SER A 127 -4.18 1.12 1.75
N GLY A 128 -3.65 2.28 2.10
CA GLY A 128 -2.79 3.02 1.20
C GLY A 128 -3.52 3.83 0.14
N PHE A 129 -4.78 4.14 0.37
CA PHE A 129 -5.56 4.95 -0.57
C PHE A 129 -5.30 6.44 -0.35
N SER A 130 -5.46 7.22 -1.41
CA SER A 130 -5.42 8.67 -1.32
C SER A 130 -6.72 9.18 -0.71
N TYR A 131 -6.73 10.43 -0.27
CA TYR A 131 -7.95 11.04 0.24
C TYR A 131 -9.03 11.04 -0.82
N GLU A 132 -8.63 11.30 -2.06
CA GLU A 132 -9.54 11.31 -3.20
C GLU A 132 -10.21 9.96 -3.39
N ASP A 133 -9.42 8.90 -3.42
CA ASP A 133 -9.93 7.55 -3.65
C ASP A 133 -10.76 7.03 -2.47
N ALA A 134 -10.33 7.34 -1.25
CA ALA A 134 -11.05 6.93 -0.06
C ALA A 134 -12.42 7.61 0.01
N ALA A 135 -12.47 8.85 -0.46
CA ALA A 135 -13.73 9.60 -0.50
C ALA A 135 -14.70 8.97 -1.49
N ALA A 136 -14.17 8.53 -2.63
CA ALA A 136 -14.98 7.87 -3.65
C ALA A 136 -15.54 6.56 -3.13
N ILE A 137 -14.72 5.81 -2.40
CA ILE A 137 -15.14 4.54 -1.82
C ILE A 137 -16.28 4.73 -0.83
N CYS A 138 -16.14 5.72 0.04
CA CYS A 138 -17.14 5.97 1.08
C CYS A 138 -18.31 6.82 0.59
N GLY A 139 -18.19 7.33 -0.64
CA GLY A 139 -19.23 8.16 -1.22
C GLY A 139 -19.43 9.47 -0.48
N CYS A 140 -18.33 10.09 -0.08
CA CYS A 140 -18.39 11.37 0.63
C CYS A 140 -17.34 12.34 0.10
N ALA A 141 -17.31 13.53 0.67
CA ALA A 141 -16.36 14.55 0.25
C ALA A 141 -14.97 14.29 0.85
N ILE A 142 -13.96 14.88 0.23
CA ILE A 142 -12.58 14.74 0.71
C ILE A 142 -12.43 15.30 2.12
N GLY A 143 -13.05 16.45 2.36
CA GLY A 143 -13.03 17.09 3.67
C GLY A 143 -13.58 16.20 4.77
N THR A 144 -14.61 15.43 4.44
CA THR A 144 -15.24 14.53 5.40
C THR A 144 -14.29 13.42 5.82
N ILE A 145 -13.63 12.81 4.84
CA ILE A 145 -12.63 11.78 5.09
C ILE A 145 -11.53 12.30 6.00
N LYS A 146 -11.04 13.49 5.70
CA LYS A 146 -9.96 14.11 6.47
C LYS A 146 -10.33 14.32 7.93
N SER A 147 -11.55 14.81 8.16
CA SER A 147 -12.02 15.03 9.53
C SER A 147 -12.23 13.70 10.25
N ARG A 148 -12.71 12.70 9.51
CA ARG A 148 -12.90 11.37 10.06
C ARG A 148 -11.57 10.73 10.42
N VAL A 149 -10.56 10.96 9.59
CA VAL A 149 -9.22 10.44 9.85
C VAL A 149 -8.61 11.09 11.09
N SER A 150 -8.78 12.40 11.21
CA SER A 150 -8.24 13.14 12.35
C SER A 150 -8.89 12.71 13.67
N ARG A 151 -10.21 12.59 13.67
CA ARG A 151 -10.92 12.17 14.87
C ARG A 151 -10.59 10.73 15.25
N ALA A 152 -10.50 9.86 14.24
CA ALA A 152 -10.16 8.45 14.47
C ALA A 152 -8.75 8.31 15.02
N ARG A 153 -7.83 9.09 14.46
CA ARG A 153 -6.43 9.04 14.88
C ARG A 153 -6.28 9.47 16.34
N ASN A 154 -6.91 10.58 16.70
CA ASN A 154 -6.82 11.10 18.06
C ASN A 154 -7.46 10.17 19.09
N ARG A 155 -8.54 9.49 18.69
CA ARG A 155 -9.21 8.56 19.58
C ARG A 155 -8.39 7.29 19.79
N LEU A 156 -7.76 6.82 18.71
CA LEU A 156 -6.89 5.65 18.78
C LEU A 156 -5.68 5.89 19.68
N GLN A 157 -5.15 7.12 19.63
CA GLN A 157 -4.01 7.49 20.45
C GLN A 157 -4.34 7.41 21.94
N GLU A 158 -5.54 7.88 22.29
CA GLU A 158 -6.00 7.84 23.67
C GLU A 158 -6.34 6.41 24.08
N LEU A 159 -6.93 5.66 23.15
CA LEU A 159 -7.33 4.28 23.40
C LEU A 159 -6.11 3.36 23.60
N LEU A 160 -5.12 3.51 22.74
CA LEU A 160 -3.94 2.64 22.76
C LEU A 160 -2.85 3.22 23.65
N LYS A 161 -3.16 4.36 24.29
CA LYS A 161 -2.25 5.02 25.22
C LYS A 161 -0.89 5.34 24.60
N VAL A 162 -0.89 5.78 23.35
CA VAL A 162 0.34 6.17 22.67
C VAL A 162 0.35 7.68 22.40
N ASP A 163 1.41 8.34 22.84
CA ASP A 163 1.52 9.79 22.74
C ASP A 163 1.61 10.26 21.30
N ARG A 164 1.98 9.34 20.40
CA ARG A 164 2.11 9.66 18.99
C ARG A 164 1.16 8.79 18.16
N PHE B 15 3.63 21.06 11.50
CA PHE B 15 3.15 20.32 10.34
C PHE B 15 1.71 19.84 10.57
N GLY B 16 0.78 20.78 10.65
CA GLY B 16 -0.61 20.47 10.94
C GLY B 16 -1.33 19.80 9.79
N ASP B 17 -0.84 19.99 8.57
CA ASP B 17 -1.46 19.41 7.39
C ASP B 17 -1.18 17.90 7.30
N ASP B 18 -0.23 17.43 8.11
CA ASP B 18 0.08 16.01 8.18
C ASP B 18 -0.89 15.31 9.11
N LEU B 19 -2.02 14.86 8.55
CA LEU B 19 -3.11 14.30 9.35
C LEU B 19 -2.75 12.97 9.99
N LEU B 20 -2.09 12.10 9.23
CA LEU B 20 -1.74 10.78 9.72
C LEU B 20 -0.58 10.84 10.70
N GLY B 21 0.35 11.75 10.48
CA GLY B 21 1.53 11.85 11.31
C GLY B 21 2.61 10.88 10.85
N VAL B 22 3.46 11.33 9.94
CA VAL B 22 4.45 10.47 9.30
C VAL B 22 5.45 9.88 10.29
N ASN B 23 5.62 10.56 11.43
CA ASN B 23 6.51 10.07 12.47
C ASN B 23 5.76 9.72 13.75
N SER B 24 4.48 9.38 13.60
CA SER B 24 3.66 9.02 14.75
C SER B 24 3.66 7.50 14.94
N GLU B 25 3.45 7.06 16.18
CA GLU B 25 3.40 5.62 16.47
C GLU B 25 2.11 4.98 15.95
N ILE B 26 1.04 5.76 15.91
CA ILE B 26 -0.26 5.23 15.48
C ILE B 26 -0.26 4.92 13.98
N ALA B 27 0.49 5.70 13.21
CA ALA B 27 0.62 5.45 11.78
C ALA B 27 1.37 4.15 11.54
N ARG B 28 2.34 3.89 12.40
CA ARG B 28 3.13 2.66 12.32
C ARG B 28 2.29 1.45 12.73
N LYS B 29 1.52 1.59 13.81
CA LYS B 29 0.69 0.51 14.31
C LYS B 29 -0.39 0.10 13.31
N LEU B 30 -0.89 1.07 12.56
CA LEU B 30 -1.89 0.80 11.53
C LEU B 30 -1.30 -0.07 10.43
N ARG B 31 -0.07 0.25 10.01
CA ARG B 31 0.62 -0.54 9.01
C ARG B 31 0.97 -1.93 9.55
N GLN B 32 1.36 -1.98 10.82
CA GLN B 32 1.70 -3.25 11.46
C GLN B 32 0.50 -4.19 11.53
N PHE B 33 -0.64 -3.65 11.98
CA PHE B 33 -1.87 -4.41 12.08
C PHE B 33 -2.27 -4.99 10.72
N TYR B 34 -2.15 -4.17 9.69
CA TYR B 34 -2.51 -4.57 8.33
C TYR B 34 -1.58 -5.66 7.83
N LEU B 35 -0.30 -5.55 8.18
CA LEU B 35 0.71 -6.54 7.76
C LEU B 35 0.52 -7.88 8.47
N GLU B 36 0.30 -7.84 9.78
CA GLU B 36 0.17 -9.05 10.58
C GLU B 36 -1.03 -9.90 10.16
N ILE B 37 -2.10 -9.24 9.76
CA ILE B 37 -3.28 -9.94 9.26
C ILE B 37 -2.95 -10.70 7.98
N GLN B 38 -2.14 -10.10 7.13
CA GLN B 38 -1.76 -10.70 5.86
C GLN B 38 -0.67 -11.75 6.03
N GLU B 39 -0.09 -11.83 7.23
CA GLU B 39 0.86 -12.88 7.54
C GLU B 39 0.16 -14.23 7.56
N GLU B 40 -1.11 -14.22 7.96
CA GLU B 40 -1.92 -15.42 8.04
C GLU B 40 -2.19 -15.99 6.65
N ALA B 41 -2.40 -17.31 6.59
CA ALA B 41 -2.66 -18.00 5.33
C ALA B 41 -3.97 -17.56 4.71
N LEU B 42 -3.94 -17.32 3.39
CA LEU B 42 -5.15 -17.05 2.64
C LEU B 42 -5.90 -18.36 2.42
N PRO B 43 -7.14 -18.45 2.94
CA PRO B 43 -7.94 -19.68 2.95
C PRO B 43 -8.00 -20.37 1.60
N ALA B 44 -7.79 -21.69 1.60
CA ALA B 44 -7.74 -22.48 0.37
C ALA B 44 -9.04 -22.41 -0.42
N ARG B 45 -10.16 -22.34 0.28
CA ARG B 45 -11.46 -22.29 -0.38
C ARG B 45 -11.61 -21.02 -1.22
N LEU B 46 -10.94 -19.97 -0.78
CA LEU B 46 -10.95 -18.70 -1.51
C LEU B 46 -10.16 -18.83 -2.81
N LEU B 47 -9.02 -19.49 -2.74
CA LEU B 47 -8.20 -19.74 -3.92
C LEU B 47 -8.88 -20.73 -4.85
N GLU B 48 -9.49 -21.76 -4.26
CA GLU B 48 -10.18 -22.79 -5.04
C GLU B 48 -11.40 -22.20 -5.77
N LEU B 49 -12.06 -21.25 -5.12
CA LEU B 49 -13.18 -20.55 -5.74
C LEU B 49 -12.72 -19.78 -6.97
N LEU B 50 -11.56 -19.13 -6.84
CA LEU B 50 -11.00 -18.35 -7.93
C LEU B 50 -10.66 -19.25 -9.13
N GLU B 51 -10.17 -20.44 -8.84
CA GLU B 51 -9.85 -21.42 -9.87
C GLU B 51 -11.11 -21.88 -10.60
N ARG B 52 -12.16 -22.12 -9.83
CA ARG B 52 -13.43 -22.60 -10.37
C ARG B 52 -14.13 -21.54 -11.22
N LEU B 53 -13.96 -20.28 -10.82
CA LEU B 53 -14.48 -19.15 -11.61
C LEU B 53 -13.79 -19.06 -12.96
N GLU B 54 -12.47 -19.27 -12.96
CA GLU B 54 -11.68 -19.23 -14.18
C GLU B 54 -12.04 -20.40 -15.09
N GLN B 55 -12.25 -21.56 -14.48
CA GLN B 55 -12.63 -22.77 -15.21
C GLN B 55 -13.96 -22.60 -15.91
N ALA B 56 -14.90 -21.93 -15.25
CA ALA B 56 -16.23 -21.70 -15.82
C ALA B 56 -16.15 -20.77 -17.03
N GLU B 57 -15.23 -19.82 -16.97
CA GLU B 57 -15.03 -18.88 -18.07
C GLU B 57 -14.47 -19.61 -19.29
N ARG B 58 -13.59 -20.57 -19.01
CA ARG B 58 -12.92 -21.35 -20.05
C ARG B 58 -13.90 -22.14 -20.93
N PHE B 59 -14.96 -22.66 -20.33
CA PHE B 59 -15.93 -23.46 -21.06
C PHE B 59 -16.92 -22.60 -21.83
N GLY B 60 -16.76 -21.28 -21.73
CA GLY B 60 -17.62 -20.35 -22.43
C GLY B 60 -17.07 -19.98 -23.79
N MSE C 2 -2.22 26.39 -8.99
CA MSE C 2 -2.48 27.57 -8.17
C MSE C 2 -3.55 27.28 -7.12
O MSE C 2 -3.47 27.80 -6.00
CB MSE C 2 -2.92 28.75 -9.04
CG MSE C 2 -3.00 30.07 -8.31
SE MSE C 2 -3.86 31.47 -9.35
CE MSE C 2 -4.91 32.31 -7.93
N GLU C 3 -4.53 26.46 -7.49
CA GLU C 3 -5.61 26.11 -6.57
C GLU C 3 -5.47 24.67 -6.11
N GLY C 4 -5.97 24.37 -4.91
CA GLY C 4 -5.87 23.05 -4.35
C GLY C 4 -4.44 22.72 -3.97
N VAL C 5 -3.71 23.74 -3.53
CA VAL C 5 -2.30 23.60 -3.18
C VAL C 5 -2.11 22.78 -1.92
N LYS C 6 -2.88 23.08 -0.88
CA LYS C 6 -2.77 22.34 0.37
C LYS C 6 -3.36 20.93 0.23
N ASP C 7 -4.27 20.75 -0.72
CA ASP C 7 -4.85 19.44 -0.97
C ASP C 7 -3.77 18.51 -1.52
N PHE C 8 -3.05 19.01 -2.52
CA PHE C 8 -1.96 18.29 -3.15
C PHE C 8 -0.85 17.98 -2.14
N LYS C 9 -0.56 18.96 -1.29
CA LYS C 9 0.44 18.82 -0.25
C LYS C 9 0.09 17.69 0.73
N GLN C 10 -1.17 17.65 1.15
CA GLN C 10 -1.63 16.63 2.09
C GLN C 10 -1.63 15.24 1.46
N GLU C 11 -1.90 15.18 0.16
CA GLU C 11 -1.82 13.93 -0.57
C GLU C 11 -0.39 13.44 -0.64
N LEU C 12 0.55 14.38 -0.79
CA LEU C 12 1.97 14.06 -0.82
C LEU C 12 2.43 13.48 0.51
N LEU C 13 2.01 14.11 1.59
CA LEU C 13 2.35 13.68 2.95
C LEU C 13 1.87 12.26 3.22
N LEU C 14 0.78 11.88 2.57
CA LEU C 14 0.23 10.53 2.70
C LEU C 14 1.13 9.50 2.02
N VAL C 15 1.71 9.87 0.89
CA VAL C 15 2.49 8.95 0.07
C VAL C 15 3.96 8.95 0.48
N LEU C 16 4.39 10.04 1.12
CA LEU C 16 5.80 10.27 1.45
C LEU C 16 6.52 9.11 2.16
N PRO C 17 5.87 8.46 3.16
CA PRO C 17 6.59 7.33 3.77
C PRO C 17 6.84 6.18 2.79
N ALA C 18 5.85 5.86 1.95
CA ALA C 18 6.01 4.80 0.96
C ALA C 18 6.97 5.21 -0.14
N LEU C 19 6.94 6.51 -0.47
CA LEU C 19 7.85 7.05 -1.48
C LEU C 19 9.30 6.91 -1.06
N ARG C 20 9.56 7.14 0.23
CA ARG C 20 10.90 7.00 0.79
C ARG C 20 11.36 5.55 0.77
N ALA C 21 10.44 4.65 1.10
CA ALA C 21 10.74 3.21 1.09
C ALA C 21 11.07 2.74 -0.31
N PHE C 22 10.41 3.33 -1.30
CA PHE C 22 10.65 2.99 -2.70
C PHE C 22 12.05 3.41 -3.15
N ALA C 23 12.47 4.60 -2.74
CA ALA C 23 13.78 5.12 -3.09
C ALA C 23 14.91 4.30 -2.46
N ILE C 24 14.73 3.94 -1.20
CA ILE C 24 15.72 3.14 -0.47
C ILE C 24 15.84 1.74 -1.08
N SER C 25 14.69 1.16 -1.42
CA SER C 25 14.67 -0.16 -2.05
C SER C 25 15.35 -0.14 -3.42
N LEU C 26 15.21 0.97 -4.13
CA LEU C 26 15.72 1.10 -5.49
C LEU C 26 17.20 1.47 -5.54
N SER C 27 17.66 2.24 -4.57
CA SER C 27 18.99 2.82 -4.61
C SER C 27 20.10 1.78 -4.41
N SER C 28 21.24 2.02 -5.08
CA SER C 28 22.39 1.15 -4.94
C SER C 28 23.40 1.77 -3.98
N LYS C 29 23.15 3.03 -3.63
CA LYS C 29 23.96 3.73 -2.64
C LYS C 29 23.07 4.24 -1.51
N HIS C 30 23.41 3.90 -0.28
CA HIS C 30 22.57 4.18 0.87
C HIS C 30 22.39 5.67 1.15
N ASP C 31 23.41 6.46 0.87
CA ASP C 31 23.40 7.88 1.22
C ASP C 31 22.90 8.76 0.08
N LYS C 32 22.20 8.15 -0.88
CA LYS C 32 21.67 8.88 -2.03
C LYS C 32 20.15 8.80 -2.13
N ALA C 33 19.55 7.90 -1.36
CA ALA C 33 18.12 7.61 -1.48
C ALA C 33 17.23 8.79 -1.07
N GLU C 34 17.64 9.55 -0.06
CA GLU C 34 16.79 10.63 0.44
C GLU C 34 16.88 11.87 -0.44
N ASP C 35 18.03 12.08 -1.09
CA ASP C 35 18.15 13.15 -2.06
C ASP C 35 17.26 12.84 -3.25
N LEU C 36 17.12 11.55 -3.54
CA LEU C 36 16.25 11.07 -4.60
C LEU C 36 14.80 11.44 -4.30
N VAL C 37 14.40 11.27 -3.04
CA VAL C 37 13.06 11.63 -2.59
C VAL C 37 12.88 13.15 -2.65
N GLN C 38 13.89 13.86 -2.18
CA GLN C 38 13.89 15.32 -2.17
C GLN C 38 13.65 15.90 -3.57
N ASP C 39 14.40 15.40 -4.55
CA ASP C 39 14.29 15.86 -5.92
C ASP C 39 12.92 15.54 -6.51
N THR C 40 12.35 14.40 -6.11
CA THR C 40 11.05 13.96 -6.61
C THR C 40 9.94 14.91 -6.15
N LEU C 41 10.00 15.32 -4.89
CA LEU C 41 9.01 16.24 -4.34
C LEU C 41 9.02 17.58 -5.08
N MSE C 42 10.22 18.09 -5.36
CA MSE C 42 10.36 19.36 -6.06
C MSE C 42 9.91 19.26 -7.51
O MSE C 42 9.30 20.19 -8.04
CB MSE C 42 11.82 19.84 -6.01
CG MSE C 42 12.17 20.60 -4.74
SE MSE C 42 14.04 21.14 -4.70
CE MSE C 42 14.85 19.37 -4.72
N LYS C 43 10.20 18.13 -8.13
CA LYS C 43 9.81 17.91 -9.52
C LYS C 43 8.29 17.73 -9.62
N ALA C 44 7.72 17.02 -8.67
CA ALA C 44 6.28 16.78 -8.65
C ALA C 44 5.51 18.07 -8.39
N TRP C 45 6.08 18.93 -7.54
CA TRP C 45 5.46 20.20 -7.21
C TRP C 45 5.40 21.12 -8.44
N ALA C 46 6.45 21.07 -9.24
CA ALA C 46 6.53 21.90 -10.45
C ALA C 46 5.57 21.39 -11.52
N LYS C 47 5.37 20.07 -11.55
CA LYS C 47 4.51 19.43 -12.54
C LYS C 47 3.11 19.18 -11.97
N GLN C 48 2.81 19.84 -10.86
CA GLN C 48 1.57 19.60 -10.11
C GLN C 48 0.30 19.73 -10.96
N ASP C 49 0.30 20.65 -11.92
CA ASP C 49 -0.87 20.84 -12.78
C ASP C 49 -0.90 19.86 -13.94
N SER C 50 0.20 19.13 -14.12
CA SER C 50 0.30 18.16 -15.20
C SER C 50 -0.30 16.82 -14.79
N PHE C 51 -0.62 16.70 -13.51
CA PHE C 51 -1.20 15.47 -12.99
C PHE C 51 -2.64 15.31 -13.47
N GLU C 52 -2.90 14.20 -14.17
CA GLU C 52 -4.23 13.95 -14.72
C GLU C 52 -5.20 13.57 -13.61
N MSE C 53 -6.18 14.44 -13.37
CA MSE C 53 -7.11 14.27 -12.26
C MSE C 53 -7.95 13.01 -12.41
O MSE C 53 -8.53 12.75 -13.46
CB MSE C 53 -8.02 15.49 -12.13
CG MSE C 53 -8.14 16.02 -10.71
SE MSE C 53 -6.42 16.58 -9.98
CE MSE C 53 -6.97 16.95 -8.14
N GLY C 54 -8.00 12.20 -11.35
CA GLY C 54 -8.75 10.96 -11.35
C GLY C 54 -7.87 9.76 -11.61
N SER C 55 -6.58 10.01 -11.81
CA SER C 55 -5.61 8.95 -12.02
C SER C 55 -4.89 8.60 -10.71
N ASN C 56 -4.02 7.60 -10.77
CA ASN C 56 -3.31 7.16 -9.59
C ASN C 56 -2.15 8.09 -9.27
N LEU C 57 -2.29 8.84 -8.18
CA LEU C 57 -1.28 9.82 -7.78
C LEU C 57 0.01 9.15 -7.32
N LYS C 58 -0.13 8.05 -6.60
CA LYS C 58 1.02 7.30 -6.10
C LYS C 58 1.87 6.79 -7.26
N ALA C 59 1.21 6.27 -8.29
CA ALA C 59 1.89 5.77 -9.47
C ALA C 59 2.58 6.92 -10.21
N TRP C 60 1.93 8.08 -10.19
CA TRP C 60 2.48 9.28 -10.80
C TRP C 60 3.76 9.73 -10.09
N LEU C 61 3.75 9.67 -8.77
CA LEU C 61 4.90 10.07 -7.97
C LEU C 61 6.06 9.08 -8.10
N PHE C 62 5.72 7.79 -8.07
CA PHE C 62 6.72 6.74 -8.18
C PHE C 62 7.39 6.77 -9.56
N THR C 63 6.62 7.14 -10.57
CA THR C 63 7.14 7.27 -11.93
C THR C 63 8.21 8.36 -11.99
N ILE C 64 7.92 9.49 -11.33
CA ILE C 64 8.86 10.61 -11.29
C ILE C 64 10.15 10.22 -10.57
N LEU C 65 10.02 9.54 -9.44
CA LEU C 65 11.19 9.10 -8.66
C LEU C 65 12.00 8.07 -9.43
N ARG C 66 11.32 7.11 -10.04
CA ARG C 66 11.98 6.08 -10.83
C ARG C 66 12.81 6.72 -11.95
N ASN C 67 12.22 7.71 -12.62
CA ASN C 67 12.87 8.35 -13.77
C ASN C 67 14.04 9.20 -13.31
N GLU C 68 13.90 9.82 -12.15
CA GLU C 68 14.97 10.59 -11.56
C GLU C 68 16.11 9.67 -11.14
N PHE C 69 15.75 8.48 -10.67
CA PHE C 69 16.74 7.49 -10.23
C PHE C 69 17.60 7.00 -11.41
N TYR C 70 16.94 6.61 -12.49
CA TYR C 70 17.65 6.13 -13.67
C TYR C 70 18.43 7.25 -14.33
N SER C 71 17.94 8.48 -14.20
CA SER C 71 18.63 9.64 -14.72
C SER C 71 19.96 9.84 -14.00
N GLN C 72 19.96 9.65 -12.68
CA GLN C 72 21.19 9.74 -11.90
C GLN C 72 22.15 8.61 -12.23
N MSE C 73 21.61 7.45 -12.56
CA MSE C 73 22.43 6.30 -12.90
CA MSE C 73 22.42 6.28 -12.91
C MSE C 73 23.20 6.54 -14.20
O MSE C 73 24.40 6.27 -14.28
CB MSE C 73 21.57 5.03 -13.02
CB MSE C 73 21.53 5.05 -13.06
CG MSE C 73 21.01 4.53 -11.69
CG MSE C 73 22.30 3.75 -13.29
SE MSE C 73 22.38 4.18 -10.34
SE MSE C 73 21.14 2.20 -13.55
CE MSE C 73 22.27 5.85 -9.33
CE MSE C 73 20.39 2.69 -15.27
N ARG C 74 22.50 7.06 -15.21
CA ARG C 74 23.14 7.44 -16.46
C ARG C 74 24.15 8.56 -16.23
N LYS C 75 23.81 9.49 -15.34
CA LYS C 75 24.69 10.61 -15.01
C LYS C 75 25.94 10.11 -14.31
N ARG C 76 25.77 9.22 -13.34
CA ARG C 76 26.89 8.61 -12.63
C ARG C 76 27.71 7.74 -13.59
N GLY C 77 27.02 7.11 -14.53
CA GLY C 77 27.66 6.27 -15.52
C GLY C 77 28.52 7.05 -16.49
N ARG C 78 28.11 8.27 -16.78
CA ARG C 78 28.87 9.14 -17.66
C ARG C 78 30.10 9.69 -16.94
N GLU C 79 29.94 9.98 -15.65
CA GLU C 79 31.04 10.49 -14.84
C GLU C 79 32.08 9.39 -14.59
N VAL C 80 31.62 8.15 -14.52
CA VAL C 80 32.52 7.01 -14.32
C VAL C 80 33.37 6.76 -15.55
N GLN C 81 32.78 6.90 -16.74
CA GLN C 81 33.49 6.67 -17.98
C GLN C 81 34.58 7.71 -18.20
N ASP C 82 34.44 8.85 -17.52
CA ASP C 82 35.40 9.94 -17.64
C ASP C 82 36.22 10.15 -16.37
N SER C 83 36.25 9.15 -15.50
CA SER C 83 37.00 9.24 -14.25
C SER C 83 37.83 7.99 -13.96
N ASP C 84 37.53 7.32 -12.86
CA ASP C 84 38.36 6.19 -12.40
C ASP C 84 38.33 4.98 -13.34
N GLY C 85 37.17 4.40 -13.70
CA GLY C 85 35.85 4.78 -13.24
C GLY C 85 35.17 3.63 -12.53
N VAL C 86 34.93 3.80 -11.24
CA VAL C 86 34.35 2.75 -10.42
C VAL C 86 32.96 3.09 -9.90
N PHE C 87 32.00 2.19 -10.12
CA PHE C 87 30.67 2.33 -9.53
C PHE C 87 30.71 1.82 -8.09
N ILE C 88 30.11 2.59 -7.18
CA ILE C 88 30.06 2.19 -5.78
C ILE C 88 28.66 1.75 -5.37
N GLU C 89 28.56 0.53 -4.86
CA GLU C 89 27.30 0.02 -4.31
C GLU C 89 27.46 -0.15 -2.81
N SER C 90 26.60 0.51 -2.04
CA SER C 90 26.69 0.47 -0.59
C SER C 90 25.35 0.18 0.07
N VAL C 91 25.38 -0.66 1.09
CA VAL C 91 24.18 -1.00 1.86
C VAL C 91 24.38 -0.71 3.34
N ALA C 92 23.50 0.11 3.90
CA ALA C 92 23.57 0.46 5.31
C ALA C 92 22.18 0.68 5.89
N ILE C 93 21.57 -0.41 6.39
CA ILE C 93 20.25 -0.32 6.99
C ILE C 93 20.26 -0.81 8.43
N HIS C 94 19.79 0.06 9.34
CA HIS C 94 19.67 -0.29 10.75
C HIS C 94 18.74 -1.48 10.92
N PRO C 95 19.10 -2.42 11.80
CA PRO C 95 18.31 -3.63 12.08
C PRO C 95 16.82 -3.34 12.30
N ALA C 96 15.98 -4.32 11.96
CA ALA C 96 14.53 -4.19 12.06
C ALA C 96 14.07 -3.73 13.43
N GLN C 97 13.23 -2.70 13.45
CA GLN C 97 12.75 -2.12 14.71
C GLN C 97 11.48 -2.81 15.20
N TYR C 98 10.65 -3.27 14.27
CA TYR C 98 9.39 -3.91 14.63
C TYR C 98 9.49 -5.43 14.68
N GLY C 99 10.00 -6.03 13.62
CA GLY C 99 10.06 -7.48 13.52
C GLY C 99 11.46 -8.05 13.54
N SER C 100 11.66 -9.14 12.80
CA SER C 100 12.89 -9.91 12.89
C SER C 100 13.62 -10.06 11.55
N LEU C 101 13.07 -9.44 10.50
CA LEU C 101 13.66 -9.55 9.17
C LEU C 101 15.03 -8.88 9.10
N ASP C 102 16.02 -9.62 8.60
CA ASP C 102 17.35 -9.06 8.39
C ASP C 102 17.32 -8.11 7.20
N LEU C 103 17.19 -6.81 7.50
CA LEU C 103 17.02 -5.80 6.47
C LEU C 103 18.26 -5.63 5.61
N GLN C 104 19.42 -5.70 6.24
CA GLN C 104 20.70 -5.59 5.53
C GLN C 104 20.85 -6.69 4.49
N ASP C 105 20.52 -7.91 4.90
CA ASP C 105 20.62 -9.07 4.02
C ASP C 105 19.61 -9.03 2.88
N PHE C 106 18.38 -8.62 3.18
CA PHE C 106 17.32 -8.55 2.18
C PHE C 106 17.67 -7.52 1.11
N LYS C 107 18.21 -6.38 1.53
CA LYS C 107 18.62 -5.32 0.61
C LYS C 107 19.74 -5.80 -0.30
N LYS C 108 20.69 -6.53 0.28
CA LYS C 108 21.79 -7.11 -0.49
C LYS C 108 21.26 -8.09 -1.52
N ALA C 109 20.20 -8.82 -1.17
CA ALA C 109 19.57 -9.75 -2.08
C ALA C 109 18.89 -9.00 -3.23
N LEU C 110 18.21 -7.90 -2.88
CA LEU C 110 17.59 -7.04 -3.89
C LEU C 110 18.62 -6.48 -4.86
N ASN C 111 19.79 -6.13 -4.34
CA ASN C 111 20.86 -5.57 -5.15
C ASN C 111 21.51 -6.60 -6.08
N MSE C 112 21.28 -7.88 -5.79
CA MSE C 112 21.77 -8.95 -6.65
C MSE C 112 20.94 -9.06 -7.92
O MSE C 112 21.43 -9.53 -8.95
CB MSE C 112 21.76 -10.29 -5.89
CG MSE C 112 22.85 -10.43 -4.85
SE MSE C 112 24.63 -10.46 -5.63
CE MSE C 112 24.44 -12.05 -6.74
N LEU C 113 19.69 -8.64 -7.84
CA LEU C 113 18.80 -8.64 -8.99
C LEU C 113 19.22 -7.60 -10.01
N SER C 114 18.75 -7.73 -11.24
CA SER C 114 18.91 -6.69 -12.24
C SER C 114 18.02 -5.51 -11.86
N ALA C 115 18.32 -4.34 -12.43
CA ALA C 115 17.56 -3.13 -12.13
C ALA C 115 16.08 -3.31 -12.46
N ASP C 116 15.80 -3.99 -13.56
CA ASP C 116 14.42 -4.20 -14.00
C ASP C 116 13.68 -5.16 -13.07
N GLN C 117 14.36 -6.24 -12.67
CA GLN C 117 13.77 -7.22 -11.78
C GLN C 117 13.55 -6.64 -10.39
N ARG C 118 14.54 -5.89 -9.90
CA ARG C 118 14.47 -5.27 -8.58
C ARG C 118 13.29 -4.31 -8.49
N GLU C 119 13.14 -3.47 -9.50
CA GLU C 119 12.05 -2.50 -9.53
C GLU C 119 10.69 -3.16 -9.63
N ALA C 120 10.57 -4.16 -10.48
CA ALA C 120 9.31 -4.86 -10.70
C ALA C 120 8.80 -5.53 -9.43
N ILE C 121 9.68 -6.23 -8.72
CA ILE C 121 9.27 -6.97 -7.53
C ILE C 121 8.94 -6.04 -6.37
N ILE C 122 9.52 -4.84 -6.37
CA ILE C 122 9.19 -3.84 -5.36
C ILE C 122 7.82 -3.24 -5.62
N LEU C 123 7.58 -2.85 -6.87
CA LEU C 123 6.32 -2.24 -7.28
C LEU C 123 5.13 -3.17 -7.04
N ILE C 124 5.30 -4.44 -7.39
CA ILE C 124 4.23 -5.42 -7.28
C ILE C 124 4.16 -6.06 -5.90
N GLY C 125 5.31 -6.49 -5.39
CA GLY C 125 5.37 -7.25 -4.15
C GLY C 125 5.36 -6.42 -2.88
N ALA C 126 5.65 -5.13 -2.98
CA ALA C 126 5.76 -4.29 -1.80
C ALA C 126 4.94 -3.01 -1.88
N SER C 127 4.91 -2.38 -3.05
CA SER C 127 4.28 -1.06 -3.19
C SER C 127 2.77 -1.15 -3.41
N GLY C 128 2.28 -2.34 -3.72
CA GLY C 128 0.85 -2.57 -3.83
C GLY C 128 0.22 -2.12 -5.14
N PHE C 129 1.04 -1.97 -6.18
CA PHE C 129 0.53 -1.60 -7.49
C PHE C 129 0.01 -2.81 -8.25
N SER C 130 -0.95 -2.58 -9.13
CA SER C 130 -1.42 -3.63 -10.03
C SER C 130 -0.41 -3.85 -11.15
N TYR C 131 -0.54 -4.95 -11.87
CA TYR C 131 0.33 -5.22 -13.01
C TYR C 131 0.18 -4.12 -14.07
N GLU C 132 -1.05 -3.65 -14.25
CA GLU C 132 -1.34 -2.58 -15.19
C GLU C 132 -0.58 -1.30 -14.85
N ASP C 133 -0.68 -0.88 -13.59
CA ASP C 133 -0.05 0.36 -13.14
C ASP C 133 1.47 0.25 -13.11
N ALA C 134 1.97 -0.91 -12.70
CA ALA C 134 3.40 -1.15 -12.67
C ALA C 134 4.00 -1.10 -14.08
N ALA C 135 3.23 -1.58 -15.04
CA ALA C 135 3.65 -1.55 -16.44
C ALA C 135 3.73 -0.11 -16.93
N ALA C 136 2.75 0.70 -16.55
CA ALA C 136 2.72 2.11 -16.91
C ALA C 136 3.90 2.86 -16.30
N ILE C 137 4.20 2.55 -15.04
CA ILE C 137 5.32 3.17 -14.35
C ILE C 137 6.65 2.86 -15.03
N CYS C 138 6.85 1.60 -15.39
CA CYS C 138 8.12 1.17 -15.99
C CYS C 138 8.13 1.41 -17.50
N GLY C 139 7.00 1.83 -18.05
CA GLY C 139 6.90 2.11 -19.47
C GLY C 139 7.10 0.88 -20.33
N CYS C 140 6.52 -0.24 -19.90
CA CYS C 140 6.62 -1.48 -20.64
C CYS C 140 5.28 -2.21 -20.68
N ALA C 141 5.25 -3.36 -21.33
CA ALA C 141 4.03 -4.14 -21.44
C ALA C 141 3.75 -4.91 -20.15
N ILE C 142 2.49 -5.30 -19.95
CA ILE C 142 2.09 -6.07 -18.79
C ILE C 142 2.82 -7.40 -18.71
N GLY C 143 2.93 -8.08 -19.86
CA GLY C 143 3.62 -9.35 -19.93
C GLY C 143 5.07 -9.26 -19.47
N THR C 144 5.71 -8.14 -19.79
CA THR C 144 7.10 -7.93 -19.39
C THR C 144 7.21 -7.83 -17.88
N ILE C 145 6.33 -7.05 -17.26
CA ILE C 145 6.30 -6.90 -15.81
C ILE C 145 6.10 -8.25 -15.12
N LYS C 146 5.14 -9.03 -15.63
CA LYS C 146 4.82 -10.34 -15.06
C LYS C 146 6.02 -11.29 -15.12
N SER C 147 6.71 -11.31 -16.24
CA SER C 147 7.88 -12.17 -16.40
C SER C 147 9.02 -11.70 -15.50
N ARG C 148 9.16 -10.38 -15.36
CA ARG C 148 10.17 -9.81 -14.48
C ARG C 148 9.90 -10.13 -13.03
N VAL C 149 8.63 -10.10 -12.64
CA VAL C 149 8.24 -10.43 -11.27
C VAL C 149 8.53 -11.89 -10.93
N SER C 150 8.17 -12.78 -11.85
CA SER C 150 8.37 -14.21 -11.66
C SER C 150 9.86 -14.56 -11.55
N ARG C 151 10.66 -13.98 -12.44
CA ARG C 151 12.10 -14.21 -12.44
C ARG C 151 12.75 -13.63 -11.20
N ALA C 152 12.33 -12.43 -10.80
CA ALA C 152 12.84 -11.79 -9.60
C ALA C 152 12.47 -12.57 -8.34
N ARG C 153 11.23 -13.06 -8.30
CA ARG C 153 10.73 -13.81 -7.15
C ARG C 153 11.50 -15.11 -6.95
N ASN C 154 11.67 -15.86 -8.04
CA ASN C 154 12.37 -17.13 -7.98
C ASN C 154 13.83 -16.96 -7.62
N ARG C 155 14.42 -15.86 -8.06
CA ARG C 155 15.81 -15.55 -7.75
C ARG C 155 15.96 -15.17 -6.28
N LEU C 156 14.99 -14.40 -5.77
CA LEU C 156 14.99 -14.01 -4.36
C LEU C 156 14.84 -15.22 -3.45
N GLN C 157 14.04 -16.19 -3.89
CA GLN C 157 13.83 -17.41 -3.12
C GLN C 157 15.13 -18.22 -2.98
N GLU C 158 15.89 -18.29 -4.07
CA GLU C 158 17.16 -19.00 -4.06
C GLU C 158 18.21 -18.22 -3.27
N LEU C 159 18.17 -16.90 -3.39
CA LEU C 159 19.12 -16.04 -2.68
C LEU C 159 18.91 -16.07 -1.17
N LEU C 160 17.65 -15.97 -0.75
CA LEU C 160 17.32 -15.89 0.67
C LEU C 160 17.07 -17.27 1.29
N LYS C 161 17.26 -18.31 0.50
CA LYS C 161 17.12 -19.70 0.96
C LYS C 161 15.77 -19.98 1.61
N VAL C 162 14.70 -19.48 1.01
CA VAL C 162 13.35 -19.72 1.49
C VAL C 162 12.56 -20.60 0.53
N ASP C 163 12.00 -21.69 1.05
CA ASP C 163 11.32 -22.68 0.24
C ASP C 163 10.04 -22.12 -0.39
N ARG C 164 9.50 -21.08 0.21
CA ARG C 164 8.28 -20.44 -0.29
C ARG C 164 8.53 -18.97 -0.61
N ASP D 17 -0.57 -19.35 -11.97
CA ASP D 17 -0.91 -17.98 -12.30
C ASP D 17 -0.63 -17.03 -11.14
N ASP D 18 -0.41 -17.61 -9.97
CA ASP D 18 -0.06 -16.82 -8.78
C ASP D 18 1.43 -16.54 -8.80
N LEU D 19 1.80 -15.42 -9.43
CA LEU D 19 3.19 -15.08 -9.65
C LEU D 19 3.93 -14.76 -8.36
N LEU D 20 3.27 -14.00 -7.49
CA LEU D 20 3.87 -13.58 -6.23
C LEU D 20 3.94 -14.71 -5.21
N GLY D 21 2.94 -15.60 -5.25
CA GLY D 21 2.82 -16.65 -4.26
C GLY D 21 2.11 -16.09 -3.05
N VAL D 22 0.79 -16.17 -3.07
CA VAL D 22 -0.05 -15.50 -2.07
C VAL D 22 0.16 -16.05 -0.65
N ASN D 23 0.59 -17.30 -0.54
CA ASN D 23 0.87 -17.89 0.77
C ASN D 23 2.34 -18.23 0.94
N SER D 24 3.20 -17.52 0.21
CA SER D 24 4.64 -17.77 0.26
C SER D 24 5.34 -16.87 1.27
N GLU D 25 6.48 -17.32 1.77
CA GLU D 25 7.26 -16.55 2.73
C GLU D 25 7.90 -15.33 2.10
N ILE D 26 8.24 -15.46 0.80
CA ILE D 26 8.91 -14.38 0.10
C ILE D 26 7.96 -13.19 -0.10
N ALA D 27 6.68 -13.46 -0.28
CA ALA D 27 5.68 -12.41 -0.41
C ALA D 27 5.54 -11.66 0.91
N ARG D 28 5.65 -12.42 2.01
CA ARG D 28 5.57 -11.84 3.34
C ARG D 28 6.81 -11.01 3.66
N LYS D 29 7.99 -11.53 3.29
CA LYS D 29 9.24 -10.84 3.55
C LYS D 29 9.32 -9.52 2.79
N LEU D 30 8.72 -9.48 1.59
CA LEU D 30 8.68 -8.26 0.81
C LEU D 30 7.86 -7.19 1.52
N ARG D 31 6.71 -7.59 2.07
CA ARG D 31 5.87 -6.69 2.83
C ARG D 31 6.56 -6.25 4.12
N GLN D 32 7.27 -7.18 4.76
CA GLN D 32 7.99 -6.90 5.99
C GLN D 32 9.08 -5.85 5.76
N PHE D 33 9.87 -6.05 4.72
CA PHE D 33 10.94 -5.13 4.36
C PHE D 33 10.39 -3.72 4.14
N TYR D 34 9.27 -3.64 3.42
CA TYR D 34 8.64 -2.37 3.12
C TYR D 34 8.14 -1.66 4.39
N LEU D 35 7.62 -2.44 5.33
CA LEU D 35 7.12 -1.90 6.58
C LEU D 35 8.25 -1.43 7.49
N GLU D 36 9.31 -2.23 7.59
CA GLU D 36 10.42 -1.92 8.47
C GLU D 36 11.16 -0.64 8.06
N ILE D 37 11.25 -0.40 6.76
CA ILE D 37 11.86 0.83 6.26
C ILE D 37 11.05 2.04 6.70
N GLN D 38 9.72 1.89 6.69
CA GLN D 38 8.84 2.98 7.07
C GLN D 38 8.72 3.12 8.58
N GLU D 39 9.23 2.14 9.31
CA GLU D 39 9.31 2.23 10.76
C GLU D 39 10.30 3.31 11.17
N GLU D 40 11.33 3.50 10.34
CA GLU D 40 12.35 4.50 10.60
C GLU D 40 11.74 5.90 10.50
N ALA D 41 12.33 6.84 11.22
CA ALA D 41 11.82 8.21 11.23
C ALA D 41 11.96 8.86 9.86
N LEU D 42 10.89 9.52 9.42
CA LEU D 42 10.94 10.31 8.21
C LEU D 42 11.60 11.65 8.51
N PRO D 43 12.76 11.92 7.89
CA PRO D 43 13.57 13.11 8.15
C PRO D 43 12.77 14.40 8.07
N ALA D 44 12.95 15.28 9.06
CA ALA D 44 12.20 16.52 9.16
C ALA D 44 12.41 17.42 7.95
N ARG D 45 13.60 17.36 7.36
CA ARG D 45 13.94 18.20 6.21
C ARG D 45 13.06 17.93 5.00
N LEU D 46 12.54 16.71 4.89
CA LEU D 46 11.62 16.38 3.81
C LEU D 46 10.30 17.11 4.00
N LEU D 47 9.83 17.14 5.25
CA LEU D 47 8.60 17.86 5.59
C LEU D 47 8.80 19.36 5.45
N GLU D 48 9.96 19.83 5.88
CA GLU D 48 10.30 21.25 5.81
C GLU D 48 10.40 21.72 4.37
N LEU D 49 10.87 20.84 3.50
CA LEU D 49 10.94 21.13 2.07
C LEU D 49 9.56 21.42 1.50
N LEU D 50 8.58 20.61 1.89
CA LEU D 50 7.21 20.76 1.44
C LEU D 50 6.60 22.07 1.91
N GLU D 51 6.94 22.49 3.12
CA GLU D 51 6.43 23.73 3.68
C GLU D 51 6.91 24.95 2.89
N ARG D 52 8.20 24.96 2.56
CA ARG D 52 8.79 26.08 1.83
C ARG D 52 8.31 26.11 0.38
N LEU D 53 8.06 24.94 -0.19
CA LEU D 53 7.48 24.87 -1.53
C LEU D 53 6.10 25.52 -1.52
N GLU D 54 5.34 25.26 -0.46
CA GLU D 54 4.02 25.84 -0.30
C GLU D 54 4.07 27.35 -0.05
N GLN D 55 5.02 27.77 0.78
CA GLN D 55 5.19 29.19 1.09
C GLN D 55 5.55 29.99 -0.14
N ALA D 56 6.43 29.43 -0.96
CA ALA D 56 6.85 30.06 -2.20
C ALA D 56 5.71 30.07 -3.22
N GLU D 57 4.88 29.03 -3.18
CA GLU D 57 3.76 28.90 -4.11
C GLU D 57 2.70 29.98 -3.92
N ARG D 58 2.44 30.34 -2.66
CA ARG D 58 1.44 31.36 -2.36
C ARG D 58 1.84 32.70 -2.99
N PHE D 59 3.12 33.02 -2.91
CA PHE D 59 3.64 34.26 -3.47
C PHE D 59 3.97 34.11 -4.95
N GLY D 60 3.74 32.92 -5.50
CA GLY D 60 3.98 32.66 -6.90
C GLY D 60 5.45 32.75 -7.27
N LEU D 61 6.29 32.04 -6.51
CA LEU D 61 7.73 32.08 -6.73
C LEU D 61 8.27 30.77 -7.30
N ASN D 62 7.42 29.75 -7.36
CA ASN D 62 7.81 28.47 -7.92
C ASN D 62 7.69 28.46 -9.45
N ASN D 63 8.64 27.81 -10.11
CA ASN D 63 8.63 27.70 -11.57
C ASN D 63 8.16 26.33 -12.03
N ALA D 64 7.04 26.30 -12.74
CA ALA D 64 6.48 25.06 -13.26
C ALA D 64 7.21 24.62 -14.52
S SO4 E . -32.89 -0.36 5.07
O1 SO4 E . -32.67 1.01 4.61
O2 SO4 E . -32.95 -1.25 3.92
O3 SO4 E . -34.15 -0.42 5.81
O4 SO4 E . -31.79 -0.76 5.95
S SO4 F . 13.03 -8.21 -19.98
O1 SO4 F . 13.08 -7.07 -20.89
O2 SO4 F . 11.72 -8.82 -20.04
O3 SO4 F . 13.29 -7.75 -18.62
O4 SO4 F . 14.05 -9.19 -20.36
S SO4 G . 17.48 -14.55 -14.51
O1 SO4 G . 18.19 -13.29 -14.38
O2 SO4 G . 16.72 -14.55 -15.76
O3 SO4 G . 16.56 -14.71 -13.39
O4 SO4 G . 18.44 -15.66 -14.51
#